data_5OM4
#
_entry.id   5OM4
#
_cell.length_a   39.465
_cell.length_b   179.109
_cell.length_c   140.032
_cell.angle_alpha   90.00
_cell.angle_beta   90.00
_cell.angle_gamma   90.00
#
_symmetry.space_group_name_H-M   'C 2 2 21'
#
loop_
_entity.id
_entity.type
_entity.pdbx_description
1 polymer 'Adenosine receptor A2a,Soluble cytochrome b562,Adenosine receptor A2a'
2 non-polymer 4-(3-amino-5-phenyl-1,2,4-triazin-6-yl)-2-chlorophenol
3 non-polymer 'SODIUM ION'
4 non-polymer CHOLESTEROL
5 non-polymer 'OLEIC ACID'
6 non-polymer '(2R)-2,3-dihydroxypropyl (9Z)-octadec-9-enoate'
7 water water
#
_entity_poly.entity_id   1
_entity_poly.type   'polypeptide(L)'
_entity_poly.pdbx_seq_one_letter_code
;ADYKDDDDGAPPIMGSSVYITVELAIAVLAILGNVLVCWAVWLNSNLQNVTNYFVVSLAAADILVGVLAIPFAITISTGF
CAACHGCLFIACFVLVLAQSSIFSLLAIAIDRYIAIAIPLRYNGLVTGTRAAGIIAICWVLSFAIGLTPMLGWNNCGQPK
EGKAHSQGCGEGQVACLFEDVVPMNYMVYFNFFACVLVPLLLMLGVYLRIFAAARRQLADLEDNWETLNDNLKVIEKADN
AAQVKDALTKMRAAALDAQKATPPKLEDKSPDSPEMKDFRHGFDILVGQIDDALKLANEGKVKEAQAAAEQLKTTRNAYI
QKYLERARSTLQKEVHAAKSAAIIAGLFALCWLPLHIINCFTFFCPDCSHAPLWLMYLAIVLAHTNSVVNPFIYAYRIRE
FRQTFRKIIRSHVLRQQEPFKAAAHHHHHHHHHH
;
_entity_poly.pdbx_strand_id   A
#
# COMPACT_ATOMS: atom_id res chain seq x y z
N GLY A 9 -19.09 -34.58 -22.94
CA GLY A 9 -18.98 -33.14 -23.03
C GLY A 9 -20.28 -32.41 -22.69
N ALA A 10 -20.42 -32.01 -21.43
CA ALA A 10 -21.60 -31.31 -20.97
C ALA A 10 -21.80 -30.01 -21.75
N PRO A 11 -23.04 -29.54 -21.89
CA PRO A 11 -23.31 -28.30 -22.64
C PRO A 11 -22.47 -27.16 -22.09
N PRO A 12 -21.79 -26.42 -22.96
CA PRO A 12 -20.90 -25.35 -22.48
C PRO A 12 -21.62 -24.25 -21.73
N ILE A 13 -22.90 -24.03 -22.02
CA ILE A 13 -23.64 -22.94 -21.37
C ILE A 13 -23.86 -23.20 -19.88
N MET A 14 -23.78 -24.46 -19.44
CA MET A 14 -23.98 -24.76 -18.03
C MET A 14 -22.81 -24.24 -17.19
N GLY A 15 -21.61 -24.73 -17.48
CA GLY A 15 -20.43 -24.20 -16.79
C GLY A 15 -20.23 -22.72 -17.05
N SER A 16 -20.62 -22.26 -18.24
CA SER A 16 -20.52 -20.84 -18.54
C SER A 16 -21.47 -20.02 -17.67
N SER A 17 -22.67 -20.55 -17.41
N SER A 17 -22.67 -20.55 -17.41
CA SER A 17 -23.64 -19.81 -16.60
CA SER A 17 -23.64 -19.80 -16.60
C SER A 17 -23.15 -19.64 -15.17
C SER A 17 -23.15 -19.64 -15.16
N VAL A 18 -22.44 -20.64 -14.64
CA VAL A 18 -21.91 -20.53 -13.28
C VAL A 18 -20.81 -19.47 -13.23
N TYR A 19 -19.87 -19.53 -14.18
CA TYR A 19 -18.80 -18.55 -14.25
C TYR A 19 -19.35 -17.14 -14.41
N ILE A 20 -20.32 -16.96 -15.31
CA ILE A 20 -20.87 -15.63 -15.58
C ILE A 20 -21.62 -15.11 -14.36
N THR A 21 -22.39 -15.97 -13.68
CA THR A 21 -23.14 -15.53 -12.52
C THR A 21 -22.21 -15.08 -11.39
N VAL A 22 -21.15 -15.84 -11.14
CA VAL A 22 -20.17 -15.48 -10.12
C VAL A 22 -19.50 -14.16 -10.50
N GLU A 23 -19.12 -13.99 -11.77
CA GLU A 23 -18.49 -12.75 -12.20
C GLU A 23 -19.41 -11.55 -11.97
N LEU A 24 -20.70 -11.68 -12.31
CA LEU A 24 -21.62 -10.57 -12.08
C LEU A 24 -21.78 -10.28 -10.60
N ALA A 25 -21.81 -11.32 -9.76
CA ALA A 25 -21.86 -11.09 -8.32
C ALA A 25 -20.64 -10.33 -7.85
N ILE A 26 -19.46 -10.69 -8.34
CA ILE A 26 -18.25 -9.97 -7.95
C ILE A 26 -18.29 -8.53 -8.44
N ALA A 27 -18.80 -8.32 -9.67
CA ALA A 27 -18.85 -6.97 -10.22
C ALA A 27 -19.71 -6.05 -9.35
N VAL A 28 -20.90 -6.53 -8.95
CA VAL A 28 -21.76 -5.74 -8.08
C VAL A 28 -21.05 -5.39 -6.78
N LEU A 29 -20.36 -6.36 -6.19
CA LEU A 29 -19.71 -6.14 -4.90
C LEU A 29 -18.52 -5.21 -5.03
N ALA A 30 -17.78 -5.32 -6.15
CA ALA A 30 -16.63 -4.45 -6.37
C ALA A 30 -17.06 -3.01 -6.59
N ILE A 31 -18.18 -2.81 -7.29
CA ILE A 31 -18.68 -1.45 -7.52
C ILE A 31 -19.18 -0.84 -6.22
N LEU A 32 -20.01 -1.59 -5.48
CA LEU A 32 -20.62 -1.04 -4.26
C LEU A 32 -19.57 -0.70 -3.21
N GLY A 33 -18.66 -1.62 -2.94
CA GLY A 33 -17.68 -1.39 -1.90
C GLY A 33 -16.74 -0.24 -2.23
N ASN A 34 -16.32 -0.14 -3.49
CA ASN A 34 -15.33 0.87 -3.81
C ASN A 34 -15.96 2.24 -4.06
N VAL A 35 -17.21 2.28 -4.51
CA VAL A 35 -17.93 3.55 -4.52
C VAL A 35 -18.06 4.10 -3.11
N LEU A 36 -18.26 3.20 -2.13
CA LEU A 36 -18.30 3.61 -0.73
C LEU A 36 -16.97 4.22 -0.28
N VAL A 37 -15.86 3.62 -0.71
CA VAL A 37 -14.53 4.17 -0.41
C VAL A 37 -14.42 5.59 -0.96
N CYS A 38 -14.78 5.78 -2.23
CA CYS A 38 -14.65 7.09 -2.85
C CYS A 38 -15.58 8.10 -2.19
N TRP A 39 -16.79 7.68 -1.84
N TRP A 39 -16.78 7.67 -1.82
CA TRP A 39 -17.71 8.59 -1.16
CA TRP A 39 -17.72 8.57 -1.16
C TRP A 39 -17.18 8.98 0.22
C TRP A 39 -17.26 8.95 0.24
N ALA A 40 -16.57 8.04 0.93
CA ALA A 40 -16.03 8.36 2.26
C ALA A 40 -14.92 9.41 2.18
N VAL A 41 -14.02 9.28 1.21
CA VAL A 41 -12.94 10.26 1.09
C VAL A 41 -13.50 11.61 0.67
N TRP A 42 -14.50 11.61 -0.22
CA TRP A 42 -15.12 12.86 -0.66
C TRP A 42 -15.77 13.59 0.53
N LEU A 43 -16.41 12.86 1.44
CA LEU A 43 -17.18 13.52 2.49
C LEU A 43 -16.32 13.88 3.70
N ASN A 44 -15.39 13.03 4.08
CA ASN A 44 -14.64 13.21 5.32
C ASN A 44 -13.32 13.91 5.04
N SER A 45 -13.17 15.14 5.56
CA SER A 45 -11.91 15.87 5.37
C SER A 45 -10.77 15.21 6.13
N ASN A 46 -11.06 14.48 7.21
CA ASN A 46 -10.02 13.73 7.89
C ASN A 46 -9.49 12.57 7.06
N LEU A 47 -10.16 12.21 5.97
CA LEU A 47 -9.67 11.20 5.05
C LEU A 47 -9.01 11.80 3.82
N GLN A 48 -9.00 13.13 3.70
CA GLN A 48 -8.48 13.79 2.50
C GLN A 48 -7.00 14.11 2.71
N ASN A 49 -6.16 13.13 2.38
CA ASN A 49 -4.72 13.27 2.42
C ASN A 49 -4.15 12.58 1.19
N VAL A 50 -2.84 12.75 0.98
CA VAL A 50 -2.20 12.21 -0.21
C VAL A 50 -2.30 10.70 -0.25
N THR A 51 -2.09 10.05 0.90
CA THR A 51 -2.19 8.59 0.95
C THR A 51 -3.54 8.11 0.41
N ASN A 52 -4.61 8.77 0.82
CA ASN A 52 -5.94 8.34 0.42
C ASN A 52 -6.31 8.78 -1.00
N TYR A 53 -5.56 9.70 -1.60
CA TYR A 53 -5.78 9.97 -3.02
C TYR A 53 -5.35 8.77 -3.87
N PHE A 54 -4.27 8.10 -3.47
CA PHE A 54 -3.90 6.85 -4.15
C PHE A 54 -4.88 5.73 -3.82
N VAL A 55 -5.41 5.72 -2.59
CA VAL A 55 -6.48 4.78 -2.24
C VAL A 55 -7.68 4.96 -3.16
N VAL A 56 -8.04 6.20 -3.45
CA VAL A 56 -9.17 6.46 -4.35
C VAL A 56 -8.82 6.02 -5.77
N SER A 57 -7.61 6.31 -6.23
CA SER A 57 -7.18 5.84 -7.55
C SER A 57 -7.26 4.32 -7.63
N LEU A 58 -6.84 3.64 -6.56
CA LEU A 58 -6.97 2.19 -6.51
C LEU A 58 -8.44 1.76 -6.51
N ALA A 59 -9.29 2.49 -5.80
CA ALA A 59 -10.71 2.15 -5.78
C ALA A 59 -11.37 2.40 -7.13
N ALA A 60 -10.92 3.43 -7.85
CA ALA A 60 -11.44 3.70 -9.19
C ALA A 60 -11.08 2.57 -10.15
N ALA A 61 -9.86 2.04 -10.04
CA ALA A 61 -9.49 0.89 -10.85
C ALA A 61 -10.38 -0.30 -10.54
N ASP A 62 -10.72 -0.49 -9.26
CA ASP A 62 -11.56 -1.62 -8.89
C ASP A 62 -13.02 -1.41 -9.31
N ILE A 63 -13.49 -0.16 -9.31
CA ILE A 63 -14.80 0.13 -9.86
C ILE A 63 -14.84 -0.23 -11.35
N LEU A 64 -13.80 0.15 -12.10
CA LEU A 64 -13.74 -0.18 -13.51
C LEU A 64 -13.57 -1.67 -13.76
N VAL A 65 -13.07 -2.44 -12.78
CA VAL A 65 -13.07 -3.89 -12.93
C VAL A 65 -14.50 -4.40 -13.02
N GLY A 66 -15.40 -3.86 -12.17
CA GLY A 66 -16.78 -4.30 -12.20
C GLY A 66 -17.56 -3.76 -13.37
N VAL A 67 -17.29 -2.52 -13.78
CA VAL A 67 -18.06 -1.89 -14.84
C VAL A 67 -17.62 -2.38 -16.22
N LEU A 68 -16.30 -2.58 -16.42
CA LEU A 68 -15.76 -2.89 -17.73
C LEU A 68 -15.02 -4.22 -17.80
N ALA A 69 -14.06 -4.46 -16.90
CA ALA A 69 -13.21 -5.65 -17.05
C ALA A 69 -14.01 -6.94 -16.92
N ILE A 70 -15.00 -6.97 -16.03
CA ILE A 70 -15.76 -8.20 -15.83
C ILE A 70 -16.71 -8.42 -17.00
N PRO A 71 -17.47 -7.41 -17.46
CA PRO A 71 -18.19 -7.59 -18.73
C PRO A 71 -17.29 -8.00 -19.88
N PHE A 72 -16.06 -7.48 -19.96
CA PHE A 72 -15.13 -7.89 -21.00
C PHE A 72 -14.68 -9.33 -20.81
N ALA A 73 -14.44 -9.74 -19.56
CA ALA A 73 -14.05 -11.12 -19.29
C ALA A 73 -15.17 -12.09 -19.64
N ILE A 74 -16.42 -11.73 -19.33
CA ILE A 74 -17.56 -12.56 -19.71
C ILE A 74 -17.64 -12.67 -21.23
N THR A 75 -17.44 -11.56 -21.93
CA THR A 75 -17.52 -11.56 -23.39
C THR A 75 -16.44 -12.46 -24.00
N ILE A 76 -15.19 -12.34 -23.53
CA ILE A 76 -14.11 -13.12 -24.13
C ILE A 76 -14.16 -14.59 -23.75
N SER A 77 -14.95 -14.95 -22.73
CA SER A 77 -15.13 -16.37 -22.42
C SER A 77 -16.00 -17.07 -23.46
N THR A 78 -16.76 -16.32 -24.25
CA THR A 78 -17.63 -16.93 -25.25
C THR A 78 -16.90 -17.30 -26.54
N GLY A 79 -15.72 -16.73 -26.78
CA GLY A 79 -15.05 -16.96 -28.04
C GLY A 79 -15.78 -16.39 -29.24
N PHE A 80 -16.60 -15.36 -29.04
CA PHE A 80 -17.41 -14.80 -30.11
C PHE A 80 -16.54 -14.25 -31.23
N CYS A 81 -17.10 -14.20 -32.43
CA CYS A 81 -16.36 -13.70 -33.59
C CYS A 81 -16.17 -12.19 -33.46
N ALA A 82 -14.94 -11.72 -33.69
CA ALA A 82 -14.67 -10.30 -33.54
C ALA A 82 -13.46 -9.94 -34.40
N ALA A 83 -13.44 -8.69 -34.85
CA ALA A 83 -12.22 -8.13 -35.43
C ALA A 83 -11.09 -8.28 -34.43
N CYS A 84 -9.94 -8.77 -34.90
CA CYS A 84 -8.90 -9.23 -33.98
C CYS A 84 -8.42 -8.13 -33.07
N HIS A 85 -8.27 -6.90 -33.60
CA HIS A 85 -7.78 -5.82 -32.74
C HIS A 85 -8.85 -5.34 -31.77
N GLY A 86 -10.13 -5.49 -32.12
CA GLY A 86 -11.18 -5.24 -31.15
C GLY A 86 -11.17 -6.26 -30.04
N CYS A 87 -11.03 -7.55 -30.39
CA CYS A 87 -10.84 -8.58 -29.38
C CYS A 87 -9.62 -8.27 -28.51
N LEU A 88 -8.54 -7.81 -29.13
CA LEU A 88 -7.33 -7.47 -28.38
C LEU A 88 -7.60 -6.38 -27.35
N PHE A 89 -8.40 -5.37 -27.71
CA PHE A 89 -8.66 -4.29 -26.76
C PHE A 89 -9.40 -4.79 -25.54
N ILE A 90 -10.49 -5.53 -25.73
CA ILE A 90 -11.26 -5.97 -24.57
C ILE A 90 -10.51 -7.02 -23.77
N ALA A 91 -9.56 -7.72 -24.39
CA ALA A 91 -8.74 -8.66 -23.64
C ALA A 91 -7.68 -7.95 -22.83
N CYS A 92 -7.10 -6.87 -23.36
CA CYS A 92 -6.01 -6.17 -22.71
C CYS A 92 -6.46 -5.15 -21.68
N PHE A 93 -7.73 -4.75 -21.68
CA PHE A 93 -8.10 -3.66 -20.80
C PHE A 93 -7.89 -4.02 -19.33
N VAL A 94 -8.06 -5.29 -18.96
CA VAL A 94 -7.83 -5.68 -17.56
C VAL A 94 -6.37 -5.43 -17.18
N LEU A 95 -5.45 -5.54 -18.15
CA LEU A 95 -4.04 -5.30 -17.88
C LEU A 95 -3.78 -3.84 -17.51
N VAL A 96 -4.53 -2.92 -18.11
CA VAL A 96 -4.46 -1.51 -17.72
C VAL A 96 -4.84 -1.35 -16.26
N LEU A 97 -5.98 -1.95 -15.87
CA LEU A 97 -6.48 -1.78 -14.51
C LEU A 97 -5.56 -2.43 -13.50
N ALA A 98 -5.01 -3.60 -13.83
CA ALA A 98 -4.05 -4.22 -12.92
C ALA A 98 -2.79 -3.38 -12.80
N GLN A 99 -2.31 -2.82 -13.91
CA GLN A 99 -1.12 -2.00 -13.84
C GLN A 99 -1.36 -0.73 -13.02
N SER A 100 -2.53 -0.12 -13.21
CA SER A 100 -2.88 1.05 -12.42
C SER A 100 -2.88 0.73 -10.93
N SER A 101 -3.40 -0.45 -10.57
CA SER A 101 -3.42 -0.87 -9.17
C SER A 101 -2.02 -1.00 -8.62
N ILE A 102 -1.11 -1.58 -9.41
CA ILE A 102 0.29 -1.73 -8.98
C ILE A 102 0.93 -0.38 -8.75
N PHE A 103 0.69 0.58 -9.66
CA PHE A 103 1.25 1.91 -9.45
C PHE A 103 0.69 2.56 -8.19
N SER A 104 -0.61 2.41 -7.94
CA SER A 104 -1.18 2.98 -6.72
C SER A 104 -0.61 2.30 -5.47
N LEU A 105 -0.48 0.98 -5.50
CA LEU A 105 0.07 0.26 -4.34
C LEU A 105 1.51 0.69 -4.07
N LEU A 106 2.30 0.86 -5.11
CA LEU A 106 3.69 1.28 -4.94
C LEU A 106 3.77 2.70 -4.42
N ALA A 107 2.90 3.58 -4.92
CA ALA A 107 2.86 4.96 -4.42
C ALA A 107 2.49 5.00 -2.95
N ILE A 108 1.53 4.18 -2.53
CA ILE A 108 1.13 4.15 -1.12
C ILE A 108 2.31 3.72 -0.25
N ALA A 109 3.04 2.69 -0.67
CA ALA A 109 4.20 2.25 0.11
C ALA A 109 5.26 3.33 0.21
N ILE A 110 5.54 4.01 -0.90
CA ILE A 110 6.54 5.08 -0.88
C ILE A 110 6.07 6.24 -0.02
N ASP A 111 4.79 6.59 -0.12
CA ASP A 111 4.23 7.67 0.70
C ASP A 111 4.40 7.35 2.19
N ARG A 112 4.17 6.11 2.58
CA ARG A 112 4.31 5.76 3.99
C ARG A 112 5.79 5.72 4.41
N TYR A 113 6.69 5.37 3.49
CA TYR A 113 8.10 5.40 3.82
C TYR A 113 8.59 6.83 4.02
N ILE A 114 8.15 7.76 3.17
CA ILE A 114 8.55 9.17 3.33
C ILE A 114 8.07 9.70 4.67
N ALA A 115 6.84 9.33 5.06
CA ALA A 115 6.28 9.82 6.32
C ALA A 115 7.04 9.29 7.53
N ILE A 116 7.53 8.05 7.46
CA ILE A 116 8.23 7.47 8.60
C ILE A 116 9.71 7.87 8.63
N ALA A 117 10.31 8.10 7.46
CA ALA A 117 11.75 8.36 7.39
C ALA A 117 12.08 9.84 7.49
N ILE A 118 11.28 10.69 6.86
CA ILE A 118 11.53 12.14 6.89
C ILE A 118 10.23 12.88 7.20
N PRO A 119 9.65 12.71 8.39
CA PRO A 119 8.36 13.36 8.67
C PRO A 119 8.44 14.88 8.75
N LEU A 120 9.62 15.45 9.01
CA LEU A 120 9.73 16.90 9.12
C LEU A 120 9.53 17.58 7.77
N ARG A 121 9.86 16.91 6.67
CA ARG A 121 9.70 17.47 5.33
C ARG A 121 8.69 16.70 4.50
N TYR A 122 7.80 15.94 5.14
CA TYR A 122 6.80 15.18 4.39
C TYR A 122 5.73 16.10 3.80
N ASN A 123 5.24 17.06 4.59
CA ASN A 123 4.19 17.94 4.11
C ASN A 123 4.68 18.83 2.98
N GLY A 124 5.95 19.25 3.01
CA GLY A 124 6.49 20.05 1.93
C GLY A 124 6.81 19.25 0.68
N LEU A 125 7.16 17.97 0.84
CA LEU A 125 7.53 17.17 -0.30
C LEU A 125 6.32 16.51 -0.96
N VAL A 126 5.43 15.93 -0.15
CA VAL A 126 4.31 15.15 -0.63
C VAL A 126 3.05 16.01 -0.46
N THR A 127 2.61 16.63 -1.56
CA THR A 127 1.44 17.48 -1.56
C THR A 127 0.33 16.88 -2.42
N GLY A 128 -0.87 17.42 -2.26
CA GLY A 128 -2.01 16.92 -3.02
C GLY A 128 -1.88 17.18 -4.52
N THR A 129 -1.38 18.37 -4.88
CA THR A 129 -1.24 18.72 -6.29
C THR A 129 -0.25 17.81 -6.99
N ARG A 130 0.91 17.56 -6.36
CA ARG A 130 1.87 16.63 -6.93
C ARG A 130 1.32 15.21 -6.96
N ALA A 131 0.48 14.85 -5.99
CA ALA A 131 -0.13 13.52 -6.00
C ALA A 131 -1.08 13.37 -7.18
N ALA A 132 -1.91 14.37 -7.44
CA ALA A 132 -2.84 14.29 -8.56
C ALA A 132 -2.09 14.13 -9.88
N GLY A 133 -0.95 14.81 -10.03
CA GLY A 133 -0.17 14.67 -11.25
C GLY A 133 0.47 13.31 -11.37
N ILE A 134 0.98 12.77 -10.27
CA ILE A 134 1.52 11.41 -10.27
C ILE A 134 0.44 10.40 -10.65
N ILE A 135 -0.77 10.58 -10.09
CA ILE A 135 -1.87 9.69 -10.41
C ILE A 135 -2.19 9.73 -11.90
N ALA A 136 -2.23 10.93 -12.48
CA ALA A 136 -2.50 11.07 -13.91
C ALA A 136 -1.42 10.39 -14.75
N ILE A 137 -0.15 10.59 -14.38
CA ILE A 137 0.95 9.97 -15.12
C ILE A 137 0.86 8.45 -15.03
N CYS A 138 0.56 7.92 -13.83
CA CYS A 138 0.49 6.48 -13.66
C CYS A 138 -0.67 5.88 -14.47
N TRP A 139 -1.79 6.58 -14.59
CA TRP A 139 -2.87 6.09 -15.45
C TRP A 139 -2.45 6.08 -16.91
N VAL A 140 -1.73 7.10 -17.37
CA VAL A 140 -1.26 7.09 -18.76
C VAL A 140 -0.32 5.92 -18.98
N LEU A 141 0.65 5.73 -18.07
CA LEU A 141 1.58 4.60 -18.20
C LEU A 141 0.87 3.27 -18.09
N SER A 142 -0.24 3.20 -17.36
CA SER A 142 -1.00 1.97 -17.26
C SER A 142 -1.65 1.60 -18.59
N PHE A 143 -2.17 2.60 -19.31
CA PHE A 143 -2.70 2.35 -20.65
C PHE A 143 -1.59 1.94 -21.61
N ALA A 144 -0.44 2.61 -21.54
CA ALA A 144 0.67 2.28 -22.43
C ALA A 144 1.16 0.86 -22.18
N ILE A 145 1.28 0.45 -20.91
CA ILE A 145 1.75 -0.89 -20.59
C ILE A 145 0.69 -1.93 -20.94
N GLY A 146 -0.55 -1.69 -20.51
CA GLY A 146 -1.59 -2.69 -20.69
C GLY A 146 -2.04 -2.86 -22.13
N LEU A 147 -1.93 -1.81 -22.94
CA LEU A 147 -2.31 -1.87 -24.34
C LEU A 147 -1.12 -2.01 -25.28
N THR A 148 0.06 -2.31 -24.72
CA THR A 148 1.23 -2.58 -25.56
C THR A 148 0.96 -3.62 -26.65
N PRO A 149 0.21 -4.71 -26.42
CA PRO A 149 -0.11 -5.61 -27.53
C PRO A 149 -0.79 -4.92 -28.71
N MET A 150 -1.57 -3.86 -28.45
N MET A 150 -1.58 -3.87 -28.45
CA MET A 150 -2.24 -3.14 -29.55
CA MET A 150 -2.23 -3.12 -29.53
C MET A 150 -1.26 -2.35 -30.41
C MET A 150 -1.22 -2.46 -30.45
N LEU A 151 -0.01 -2.19 -29.98
CA LEU A 151 1.00 -1.55 -30.80
C LEU A 151 1.71 -2.53 -31.73
N GLY A 152 1.37 -3.80 -31.67
CA GLY A 152 1.91 -4.75 -32.63
C GLY A 152 2.40 -6.05 -32.01
N TRP A 153 2.56 -6.08 -30.70
CA TRP A 153 2.98 -7.30 -30.01
C TRP A 153 1.75 -8.14 -29.71
N ASN A 154 1.21 -8.74 -30.77
CA ASN A 154 -0.01 -9.51 -30.67
C ASN A 154 0.05 -10.67 -31.66
N ASN A 155 -0.96 -11.54 -31.61
CA ASN A 155 -1.05 -12.68 -32.51
C ASN A 155 -2.07 -12.46 -33.61
N CYS A 156 -2.48 -11.21 -33.84
CA CYS A 156 -3.45 -10.94 -34.90
C CYS A 156 -2.86 -11.19 -36.28
N GLY A 157 -1.54 -11.18 -36.41
CA GLY A 157 -0.91 -11.54 -37.68
C GLY A 157 -0.98 -13.01 -38.02
N GLN A 158 -1.22 -13.87 -37.02
CA GLN A 158 -1.28 -15.32 -37.22
C GLN A 158 -2.58 -15.84 -36.63
N PRO A 159 -3.72 -15.50 -37.23
CA PRO A 159 -5.01 -15.92 -36.67
C PRO A 159 -5.19 -17.43 -36.79
N LYS A 160 -5.96 -17.97 -35.84
CA LYS A 160 -6.36 -19.38 -35.87
C LYS A 160 -7.52 -19.50 -36.85
N GLU A 161 -7.19 -19.71 -38.13
CA GLU A 161 -8.21 -19.68 -39.17
C GLU A 161 -9.15 -20.87 -39.06
N GLY A 162 -8.65 -22.02 -38.62
CA GLY A 162 -9.51 -23.18 -38.46
C GLY A 162 -10.57 -22.97 -37.39
N LYS A 163 -10.17 -22.38 -36.26
CA LYS A 163 -11.14 -22.04 -35.22
C LYS A 163 -12.12 -20.98 -35.71
N ALA A 164 -11.62 -19.98 -36.45
CA ALA A 164 -12.50 -18.93 -36.95
C ALA A 164 -13.50 -19.46 -37.96
N HIS A 165 -13.06 -20.33 -38.88
CA HIS A 165 -13.98 -20.90 -39.85
C HIS A 165 -15.01 -21.80 -39.17
N SER A 166 -14.58 -22.61 -38.19
CA SER A 166 -15.51 -23.51 -37.52
C SER A 166 -16.60 -22.76 -36.77
N GLN A 167 -16.38 -21.50 -36.41
CA GLN A 167 -17.39 -20.71 -35.73
C GLN A 167 -18.10 -19.73 -36.66
N GLY A 168 -17.86 -19.83 -37.96
CA GLY A 168 -18.53 -18.96 -38.92
C GLY A 168 -18.11 -17.51 -38.85
N CYS A 169 -16.89 -17.24 -38.38
CA CYS A 169 -16.44 -15.86 -38.33
C CYS A 169 -16.21 -15.30 -39.73
N GLY A 170 -16.36 -13.99 -39.86
CA GLY A 170 -16.16 -13.33 -41.13
C GLY A 170 -14.68 -13.09 -41.40
N GLU A 171 -14.42 -12.48 -42.55
CA GLU A 171 -13.04 -12.19 -42.92
C GLU A 171 -12.45 -11.15 -41.99
N GLY A 172 -11.19 -11.35 -41.62
CA GLY A 172 -10.52 -10.49 -40.66
C GLY A 172 -10.95 -10.71 -39.22
N GLN A 173 -11.88 -11.62 -38.97
CA GLN A 173 -12.35 -11.92 -37.63
C GLN A 173 -11.65 -13.17 -37.09
N VAL A 174 -11.65 -13.27 -35.76
CA VAL A 174 -11.15 -14.44 -35.05
C VAL A 174 -12.15 -14.79 -33.96
N ALA A 175 -12.07 -16.03 -33.49
CA ALA A 175 -12.74 -16.37 -32.24
C ALA A 175 -12.05 -15.64 -31.10
N CYS A 176 -12.79 -14.82 -30.36
CA CYS A 176 -12.17 -13.91 -29.39
C CYS A 176 -11.89 -14.66 -28.10
N LEU A 177 -10.61 -15.00 -27.90
CA LEU A 177 -10.12 -15.68 -26.72
C LEU A 177 -8.81 -15.04 -26.31
N PHE A 178 -8.61 -14.86 -25.00
CA PHE A 178 -7.45 -14.12 -24.50
C PHE A 178 -6.15 -14.69 -25.04
N GLU A 179 -5.94 -16.00 -24.89
CA GLU A 179 -4.64 -16.59 -25.26
C GLU A 179 -4.46 -16.72 -26.75
N ASP A 180 -5.51 -16.53 -27.56
CA ASP A 180 -5.34 -16.55 -29.01
C ASP A 180 -4.86 -15.22 -29.56
N VAL A 181 -5.07 -14.11 -28.85
CA VAL A 181 -4.66 -12.81 -29.37
C VAL A 181 -3.52 -12.18 -28.58
N VAL A 182 -3.43 -12.42 -27.27
CA VAL A 182 -2.39 -11.83 -26.44
C VAL A 182 -1.22 -12.81 -26.39
N PRO A 183 -0.01 -12.41 -26.83
CA PRO A 183 1.11 -13.34 -26.85
C PRO A 183 1.54 -13.72 -25.43
N MET A 184 1.84 -15.00 -25.25
CA MET A 184 2.21 -15.46 -23.92
C MET A 184 3.59 -14.96 -23.52
N ASN A 185 4.49 -14.69 -24.48
CA ASN A 185 5.77 -14.12 -24.07
C ASN A 185 5.61 -12.70 -23.55
N TYR A 186 4.68 -11.92 -24.14
CA TYR A 186 4.30 -10.65 -23.51
C TYR A 186 3.82 -10.89 -22.08
N MET A 187 2.91 -11.85 -21.90
CA MET A 187 2.26 -12.03 -20.61
C MET A 187 3.25 -12.45 -19.52
N VAL A 188 4.26 -13.25 -19.86
CA VAL A 188 5.17 -13.78 -18.86
C VAL A 188 6.34 -12.82 -18.64
N TYR A 189 7.03 -12.45 -19.71
CA TYR A 189 8.26 -11.66 -19.57
C TYR A 189 7.97 -10.20 -19.30
N PHE A 190 7.10 -9.59 -20.11
CA PHE A 190 6.86 -8.16 -20.04
C PHE A 190 5.84 -7.83 -18.96
N ASN A 191 4.67 -8.45 -19.01
CA ASN A 191 3.64 -8.10 -18.04
C ASN A 191 3.97 -8.67 -16.65
N PHE A 192 4.19 -9.98 -16.55
CA PHE A 192 4.41 -10.57 -15.24
C PHE A 192 5.77 -10.19 -14.65
N PHE A 193 6.86 -10.64 -15.27
CA PHE A 193 8.18 -10.42 -14.67
C PHE A 193 8.46 -8.93 -14.50
N ALA A 194 8.33 -8.15 -15.58
CA ALA A 194 8.81 -6.77 -15.55
C ALA A 194 7.81 -5.83 -14.87
N CYS A 195 6.52 -5.96 -15.21
CA CYS A 195 5.54 -4.96 -14.82
C CYS A 195 4.74 -5.32 -13.58
N VAL A 196 4.75 -6.57 -13.16
CA VAL A 196 4.05 -7.01 -11.95
C VAL A 196 5.03 -7.47 -10.88
N LEU A 197 5.88 -8.44 -11.20
CA LEU A 197 6.75 -9.04 -10.20
C LEU A 197 7.77 -8.03 -9.66
N VAL A 198 8.43 -7.30 -10.55
CA VAL A 198 9.44 -6.33 -10.11
C VAL A 198 8.84 -5.25 -9.22
N PRO A 199 7.72 -4.58 -9.58
CA PRO A 199 7.14 -3.61 -8.64
C PRO A 199 6.70 -4.21 -7.33
N LEU A 200 6.17 -5.44 -7.34
CA LEU A 200 5.79 -6.09 -6.09
C LEU A 200 7.01 -6.34 -5.20
N LEU A 201 8.13 -6.77 -5.80
CA LEU A 201 9.34 -6.95 -5.02
C LEU A 201 9.87 -5.61 -4.51
N LEU A 202 9.77 -4.55 -5.32
CA LEU A 202 10.10 -3.22 -4.85
C LEU A 202 9.25 -2.81 -3.66
N MET A 203 7.93 -3.09 -3.73
CA MET A 203 7.06 -2.79 -2.60
C MET A 203 7.47 -3.56 -1.35
N LEU A 204 7.80 -4.84 -1.51
CA LEU A 204 8.30 -5.60 -0.38
C LEU A 204 9.53 -4.94 0.23
N GLY A 205 10.43 -4.45 -0.62
CA GLY A 205 11.62 -3.79 -0.11
C GLY A 205 11.29 -2.48 0.61
N VAL A 206 10.31 -1.75 0.10
CA VAL A 206 9.90 -0.50 0.74
C VAL A 206 9.29 -0.77 2.11
N TYR A 207 8.41 -1.77 2.19
CA TYR A 207 7.79 -2.09 3.48
C TYR A 207 8.82 -2.61 4.47
N LEU A 208 9.80 -3.39 4.01
CA LEU A 208 10.87 -3.82 4.91
C LEU A 208 11.62 -2.62 5.48
N ARG A 209 11.85 -1.59 4.65
CA ARG A 209 12.51 -0.39 5.14
C ARG A 209 11.62 0.40 6.10
N ILE A 210 10.31 0.41 5.86
CA ILE A 210 9.39 1.11 6.76
C ILE A 210 9.41 0.49 8.14
N PHE A 211 9.26 -0.83 8.22
CA PHE A 211 9.23 -1.50 9.52
C PHE A 211 10.60 -1.46 10.20
N ALA A 212 11.68 -1.56 9.44
CA ALA A 212 13.01 -1.42 10.02
C ALA A 212 13.23 -0.01 10.55
N ALA A 213 12.73 1.00 9.83
CA ALA A 213 12.90 2.37 10.29
C ALA A 213 12.06 2.64 11.54
N ALA A 214 10.86 2.06 11.62
CA ALA A 214 10.02 2.23 12.79
C ALA A 214 10.60 1.54 14.01
N ARG A 215 11.13 0.33 13.83
CA ARG A 215 11.72 -0.39 14.95
C ARG A 215 12.97 0.33 15.46
N ARG A 216 13.74 0.92 14.55
CA ARG A 216 14.94 1.65 14.97
C ARG A 216 14.58 2.94 15.68
N GLN A 217 13.56 3.65 15.20
CA GLN A 217 13.16 4.89 15.86
C GLN A 217 12.59 4.63 17.24
N LEU A 218 11.83 3.54 17.41
CA LEU A 218 11.26 3.19 18.70
C LEU A 218 12.34 2.79 19.70
N ALA A 219 13.41 2.14 19.22
CA ALA A 219 14.61 1.80 19.97
C ALA A 219 15.34 3.07 20.41
N ASP A 220 15.45 4.03 19.50
CA ASP A 220 16.11 5.29 19.84
C ASP A 220 15.34 6.06 20.90
N LEU A 221 14.01 5.99 20.87
CA LEU A 221 13.21 6.65 21.89
C LEU A 221 13.48 6.05 23.27
N GLU A 222 13.50 4.71 23.35
CA GLU A 222 13.75 4.05 24.63
C GLU A 222 15.20 4.21 25.06
N ASP A 223 16.13 4.33 24.12
CA ASP A 223 17.53 4.54 24.48
C ASP A 223 17.73 5.89 25.15
N ASN A 224 17.14 6.96 24.58
CA ASN A 224 17.23 8.27 25.23
C ASN A 224 16.53 8.27 26.57
N TRP A 225 15.43 7.51 26.70
CA TRP A 225 14.74 7.41 27.98
C TRP A 225 15.60 6.66 29.01
N GLU A 226 16.25 5.58 28.58
CA GLU A 226 17.12 4.85 29.50
C GLU A 226 18.34 5.66 29.88
N THR A 227 18.93 6.38 28.91
CA THR A 227 20.10 7.20 29.19
C THR A 227 19.77 8.33 30.15
N LEU A 228 18.55 8.89 30.04
CA LEU A 228 18.15 9.94 30.96
C LEU A 228 18.04 9.43 32.39
N ASN A 229 17.47 8.24 32.58
CA ASN A 229 17.32 7.69 33.92
C ASN A 229 18.61 7.10 34.47
N ASP A 230 19.42 6.49 33.60
CA ASP A 230 20.70 5.92 34.06
C ASP A 230 21.63 7.01 34.57
N ASN A 231 21.76 8.10 33.81
CA ASN A 231 22.65 9.17 34.24
C ASN A 231 22.12 9.91 35.45
N LEU A 232 20.81 9.90 35.68
CA LEU A 232 20.26 10.44 36.92
C LEU A 232 20.76 9.64 38.13
N LYS A 233 20.78 8.30 38.01
CA LYS A 233 21.30 7.48 39.09
C LYS A 233 22.80 7.68 39.26
N VAL A 234 23.52 7.96 38.16
CA VAL A 234 24.96 8.20 38.23
C VAL A 234 25.24 9.44 39.07
N ILE A 235 24.43 10.48 38.92
CA ILE A 235 24.65 11.72 39.66
C ILE A 235 24.35 11.51 41.14
N GLU A 236 23.34 10.71 41.46
CA GLU A 236 22.94 10.53 42.86
C GLU A 236 24.03 9.84 43.68
N LYS A 237 24.65 8.79 43.12
CA LYS A 237 25.68 8.05 43.84
C LYS A 237 27.09 8.49 43.46
N ALA A 238 27.23 9.67 42.85
CA ALA A 238 28.55 10.22 42.57
C ALA A 238 29.16 10.76 43.86
N ASP A 239 30.50 10.80 43.90
CA ASP A 239 31.21 11.28 45.08
C ASP A 239 32.02 12.55 44.82
N ASN A 240 32.20 12.97 43.57
CA ASN A 240 32.92 14.19 43.26
C ASN A 240 32.16 14.96 42.19
N ALA A 241 32.59 16.20 41.97
CA ALA A 241 31.92 17.06 41.00
C ALA A 241 32.22 16.66 39.56
N ALA A 242 33.36 16.02 39.31
CA ALA A 242 33.71 15.63 37.95
C ALA A 242 32.77 14.55 37.44
N GLN A 243 32.39 13.60 38.30
CA GLN A 243 31.45 12.56 37.89
C GLN A 243 30.07 13.14 37.62
N VAL A 244 29.65 14.12 38.42
CA VAL A 244 28.37 14.79 38.17
C VAL A 244 28.41 15.52 36.84
N LYS A 245 29.54 16.17 36.54
CA LYS A 245 29.67 16.88 35.27
C LYS A 245 29.59 15.91 34.09
N ASP A 246 30.25 14.76 34.21
CA ASP A 246 30.26 13.79 33.11
C ASP A 246 28.85 13.31 32.78
N ALA A 247 28.05 12.99 33.80
CA ALA A 247 26.70 12.51 33.55
C ALA A 247 25.80 13.62 33.02
N LEU A 248 25.99 14.85 33.51
CA LEU A 248 25.16 15.96 33.05
C LEU A 248 25.42 16.31 31.60
N THR A 249 26.69 16.25 31.17
CA THR A 249 27.01 16.53 29.78
C THR A 249 26.37 15.49 28.85
N LYS A 250 26.30 14.24 29.29
CA LYS A 250 25.62 13.23 28.50
C LYS A 250 24.11 13.44 28.50
N MET A 251 23.55 13.98 29.59
CA MET A 251 22.12 14.24 29.62
C MET A 251 21.76 15.43 28.76
N ARG A 252 22.62 16.44 28.71
CA ARG A 252 22.31 17.64 27.95
C ARG A 252 22.29 17.36 26.46
N ALA A 253 23.28 16.62 25.97
CA ALA A 253 23.31 16.26 24.55
C ALA A 253 22.15 15.33 24.20
N ALA A 254 21.80 14.41 25.10
CA ALA A 254 20.68 13.51 24.84
C ALA A 254 19.34 14.23 24.95
N ALA A 255 19.25 15.26 25.80
CA ALA A 255 18.01 16.03 25.90
C ALA A 255 17.73 16.79 24.61
N LEU A 256 18.78 17.28 23.95
CA LEU A 256 18.62 17.95 22.67
C LEU A 256 18.37 16.96 21.54
N ASP A 257 18.95 15.75 21.64
CA ASP A 257 18.68 14.72 20.64
C ASP A 257 17.22 14.27 20.71
N ALA A 258 16.67 14.16 21.92
CA ALA A 258 15.27 13.80 22.06
C ALA A 258 14.34 14.95 21.75
N GLN A 259 14.84 16.19 21.76
CA GLN A 259 14.01 17.34 21.42
C GLN A 259 13.74 17.42 19.92
N LYS A 260 14.63 16.89 19.10
CA LYS A 260 14.44 16.90 17.65
C LYS A 260 13.37 15.90 17.23
N LYS A 277 4.11 23.50 22.17
CA LYS A 277 4.18 24.52 23.20
C LYS A 277 4.48 23.89 24.56
N ASP A 278 3.60 23.01 25.02
CA ASP A 278 3.90 22.25 26.23
C ASP A 278 5.08 21.31 26.01
N PHE A 279 5.30 20.89 24.77
CA PHE A 279 6.47 20.07 24.45
C PHE A 279 7.75 20.90 24.54
N ARG A 280 7.75 22.09 23.93
CA ARG A 280 8.94 22.93 23.95
C ARG A 280 9.22 23.45 25.36
N HIS A 281 8.17 23.80 26.10
CA HIS A 281 8.36 24.27 27.47
C HIS A 281 8.97 23.19 28.36
N GLY A 282 8.59 21.93 28.14
CA GLY A 282 9.15 20.86 28.94
C GLY A 282 10.65 20.69 28.72
N PHE A 283 11.10 20.78 27.47
CA PHE A 283 12.52 20.63 27.19
C PHE A 283 13.30 21.91 27.52
N ASP A 284 12.66 23.08 27.45
CA ASP A 284 13.31 24.30 27.92
C ASP A 284 13.61 24.21 29.41
N ILE A 285 12.68 23.66 30.19
CA ILE A 285 12.94 23.44 31.61
C ILE A 285 14.06 22.42 31.80
N LEU A 286 14.01 21.34 31.02
CA LEU A 286 14.98 20.26 31.19
C LEU A 286 16.40 20.73 30.90
N VAL A 287 16.60 21.38 29.76
CA VAL A 287 17.94 21.82 29.39
C VAL A 287 18.43 22.90 30.36
N GLY A 288 17.54 23.82 30.76
CA GLY A 288 17.93 24.82 31.73
C GLY A 288 18.32 24.23 33.07
N GLN A 289 17.57 23.23 33.52
CA GLN A 289 17.89 22.59 34.79
C GLN A 289 19.21 21.82 34.72
N ILE A 290 19.51 21.25 33.55
CA ILE A 290 20.82 20.61 33.35
C ILE A 290 21.92 21.66 33.41
N ASP A 291 21.72 22.80 32.74
CA ASP A 291 22.69 23.88 32.78
C ASP A 291 22.90 24.40 34.21
N ASP A 292 21.82 24.47 35.00
CA ASP A 292 21.95 24.87 36.40
C ASP A 292 22.85 23.91 37.17
N ALA A 293 22.60 22.60 37.04
CA ALA A 293 23.41 21.63 37.74
C ALA A 293 24.83 21.58 37.18
N LEU A 294 24.99 21.81 35.88
N LEU A 294 25.00 21.82 35.88
CA LEU A 294 26.32 21.81 35.27
CA LEU A 294 26.32 21.80 35.28
C LEU A 294 27.18 22.94 35.82
C LEU A 294 27.18 22.95 35.80
N LYS A 295 26.59 24.13 35.99
CA LYS A 295 27.35 25.25 36.52
C LYS A 295 27.80 24.99 37.95
N LEU A 296 26.94 24.37 38.77
CA LEU A 296 27.32 24.04 40.13
C LEU A 296 28.42 22.98 40.15
N ALA A 297 28.37 22.03 39.22
CA ALA A 297 29.41 21.01 39.16
C ALA A 297 30.76 21.60 38.77
N ASN A 298 30.76 22.55 37.82
CA ASN A 298 31.98 23.22 37.40
C ASN A 298 32.56 24.11 38.49
N GLU A 299 31.78 24.44 39.52
CA GLU A 299 32.26 25.19 40.67
C GLU A 299 32.66 24.29 41.83
N GLY A 300 32.66 22.97 41.63
CA GLY A 300 33.04 22.05 42.69
C GLY A 300 31.99 21.83 43.75
N LYS A 301 30.74 22.24 43.51
CA LYS A 301 29.66 22.09 44.47
C LYS A 301 28.90 20.81 44.16
N VAL A 302 29.35 19.70 44.75
CA VAL A 302 28.78 18.40 44.44
C VAL A 302 27.37 18.28 45.02
N LYS A 303 27.22 18.56 46.31
CA LYS A 303 25.92 18.40 46.95
C LYS A 303 24.87 19.30 46.31
N GLU A 304 25.26 20.54 45.97
CA GLU A 304 24.30 21.46 45.36
C GLU A 304 23.96 21.04 43.93
N ALA A 305 24.93 20.46 43.20
CA ALA A 305 24.65 19.99 41.86
C ALA A 305 23.76 18.75 41.88
N GLN A 306 23.98 17.85 42.85
CA GLN A 306 23.13 16.66 42.96
C GLN A 306 21.70 17.04 43.31
N ALA A 307 21.51 17.99 44.24
CA ALA A 307 20.16 18.42 44.57
C ALA A 307 19.49 19.10 43.40
N ALA A 308 20.24 19.90 42.63
CA ALA A 308 19.70 20.52 41.43
C ALA A 308 19.33 19.47 40.38
N ALA A 309 20.16 18.43 40.24
CA ALA A 309 19.85 17.35 39.33
C ALA A 309 18.63 16.56 39.75
N GLU A 310 18.30 16.56 41.05
CA GLU A 310 17.09 15.89 41.50
C GLU A 310 15.83 16.57 40.98
N GLN A 311 15.90 17.87 40.72
CA GLN A 311 14.77 18.60 40.14
C GLN A 311 14.44 18.12 38.73
N LEU A 312 15.39 17.46 38.07
CA LEU A 312 15.12 16.93 36.73
C LEU A 312 14.01 15.88 36.75
N LYS A 313 13.84 15.17 37.87
CA LYS A 313 12.80 14.15 37.95
C LYS A 313 11.41 14.75 37.88
N THR A 314 11.22 15.93 38.45
CA THR A 314 9.92 16.59 38.35
C THR A 314 9.60 16.95 36.90
N THR A 315 10.58 17.47 36.16
CA THR A 315 10.37 17.76 34.75
C THR A 315 10.13 16.49 33.95
N ARG A 316 10.84 15.41 34.30
CA ARG A 316 10.69 14.15 33.59
C ARG A 316 9.28 13.58 33.75
N ASN A 317 8.75 13.60 34.97
CA ASN A 317 7.44 13.02 35.22
C ASN A 317 6.31 13.87 34.64
N ALA A 318 6.51 15.18 34.54
CA ALA A 318 5.43 16.06 34.11
C ALA A 318 5.49 16.43 32.63
N TYR A 319 6.64 16.27 31.98
CA TYR A 319 6.77 16.68 30.58
C TYR A 319 7.42 15.61 29.72
N ILE A 320 8.62 15.17 30.09
CA ILE A 320 9.43 14.35 29.21
C ILE A 320 8.78 12.98 28.99
N GLN A 321 8.22 12.39 30.04
CA GLN A 321 7.59 11.08 29.88
C GLN A 321 6.34 11.17 29.02
N LYS A 322 5.60 12.29 29.10
CA LYS A 322 4.44 12.47 28.24
C LYS A 322 4.84 12.56 26.78
N TYR A 323 5.95 13.25 26.49
CA TYR A 323 6.43 13.33 25.11
C TYR A 323 6.87 11.97 24.60
N LEU A 324 7.52 11.19 25.47
CA LEU A 324 7.98 9.84 25.12
C LEU A 324 6.82 8.95 24.70
N GLU A 325 5.76 9.09 25.47
CA GLU A 325 4.59 8.23 25.27
C GLU A 325 3.83 8.63 24.02
N ARG A 326 3.72 9.94 23.77
CA ARG A 326 3.04 10.40 22.57
C ARG A 326 3.88 10.13 21.32
N ALA A 327 5.21 10.24 21.43
CA ALA A 327 6.06 9.88 20.31
C ALA A 327 5.96 8.39 20.01
N ARG A 328 5.89 7.57 21.07
CA ARG A 328 5.70 6.14 20.89
C ARG A 328 4.34 5.85 20.28
N SER A 329 3.30 6.55 20.74
CA SER A 329 1.95 6.33 20.23
C SER A 329 1.88 6.68 18.73
N THR A 330 2.59 7.72 18.30
CA THR A 330 2.58 8.09 16.90
C THR A 330 3.28 7.04 16.04
N LEU A 331 4.42 6.52 16.50
CA LEU A 331 5.13 5.50 15.73
C LEU A 331 4.32 4.22 15.62
N GLN A 332 3.64 3.82 16.71
CA GLN A 332 2.85 2.61 16.67
C GLN A 332 1.66 2.73 15.73
N LYS A 333 1.11 3.94 15.59
CA LYS A 333 0.03 4.15 14.63
C LYS A 333 0.55 4.12 13.20
N GLU A 334 1.75 4.62 12.96
CA GLU A 334 2.35 4.51 11.63
C GLU A 334 2.68 3.05 11.29
N VAL A 335 3.12 2.27 12.28
CA VAL A 335 3.31 0.84 12.05
C VAL A 335 1.98 0.19 11.71
N HIS A 336 0.92 0.53 12.46
CA HIS A 336 -0.39 -0.06 12.21
C HIS A 336 -0.90 0.30 10.82
N ALA A 337 -0.69 1.55 10.40
CA ALA A 337 -1.14 1.97 9.08
C ALA A 337 -0.31 1.33 7.97
N ALA A 338 0.99 1.11 8.21
CA ALA A 338 1.83 0.48 7.20
C ALA A 338 1.49 -0.99 7.05
N LYS A 339 1.13 -1.66 8.15
CA LYS A 339 0.70 -3.04 8.05
C LYS A 339 -0.61 -3.17 7.27
N SER A 340 -1.55 -2.26 7.53
CA SER A 340 -2.80 -2.26 6.77
C SER A 340 -2.54 -2.09 5.28
N ALA A 341 -1.67 -1.14 4.92
CA ALA A 341 -1.31 -0.96 3.51
C ALA A 341 -0.60 -2.19 2.96
N ALA A 342 0.26 -2.81 3.77
CA ALA A 342 0.98 -4.01 3.32
C ALA A 342 0.03 -5.20 3.14
N ILE A 343 -1.02 -5.29 3.95
CA ILE A 343 -2.01 -6.35 3.76
C ILE A 343 -2.69 -6.20 2.41
N ILE A 344 -3.02 -4.95 2.05
CA ILE A 344 -3.65 -4.68 0.75
C ILE A 344 -2.74 -5.12 -0.40
N ALA A 345 -1.46 -4.75 -0.31
CA ALA A 345 -0.51 -5.13 -1.36
C ALA A 345 -0.30 -6.64 -1.39
N GLY A 346 -0.24 -7.27 -0.21
CA GLY A 346 -0.08 -8.71 -0.18
C GLY A 346 -1.28 -9.46 -0.73
N LEU A 347 -2.48 -8.96 -0.46
CA LEU A 347 -3.68 -9.58 -1.01
C LEU A 347 -3.76 -9.41 -2.52
N PHE A 348 -3.30 -8.27 -3.05
CA PHE A 348 -3.20 -8.14 -4.49
C PHE A 348 -2.32 -9.23 -5.07
N ALA A 349 -1.14 -9.44 -4.47
CA ALA A 349 -0.23 -10.48 -4.97
C ALA A 349 -0.85 -11.86 -4.87
N LEU A 350 -1.52 -12.16 -3.75
N LEU A 350 -1.52 -12.16 -3.75
CA LEU A 350 -2.13 -13.46 -3.57
CA LEU A 350 -2.11 -13.48 -3.59
C LEU A 350 -3.22 -13.72 -4.61
C LEU A 350 -3.24 -13.73 -4.59
N CYS A 351 -4.02 -12.71 -4.92
CA CYS A 351 -5.15 -12.90 -5.83
C CYS A 351 -4.71 -12.98 -7.29
N TRP A 352 -3.61 -12.34 -7.67
CA TRP A 352 -3.16 -12.31 -9.05
C TRP A 352 -2.09 -13.33 -9.39
N LEU A 353 -1.30 -13.77 -8.42
CA LEU A 353 -0.23 -14.72 -8.71
C LEU A 353 -0.71 -16.03 -9.35
N PRO A 354 -1.82 -16.65 -8.94
CA PRO A 354 -2.23 -17.89 -9.60
C PRO A 354 -2.36 -17.76 -11.11
N LEU A 355 -3.01 -16.69 -11.60
CA LEU A 355 -3.08 -16.46 -13.04
C LEU A 355 -1.69 -16.42 -13.66
N HIS A 356 -0.79 -15.61 -13.09
CA HIS A 356 0.55 -15.47 -13.66
C HIS A 356 1.33 -16.77 -13.58
N ILE A 357 1.16 -17.52 -12.49
CA ILE A 357 1.84 -18.80 -12.37
C ILE A 357 1.33 -19.78 -13.43
N ILE A 358 0.00 -19.80 -13.65
CA ILE A 358 -0.55 -20.65 -14.70
C ILE A 358 0.02 -20.27 -16.06
N ASN A 359 0.09 -18.97 -16.36
CA ASN A 359 0.70 -18.56 -17.62
C ASN A 359 2.15 -19.02 -17.73
N CYS A 360 2.89 -19.00 -16.61
CA CYS A 360 4.25 -19.51 -16.64
C CYS A 360 4.29 -21.00 -17.01
N PHE A 361 3.35 -21.80 -16.47
CA PHE A 361 3.31 -23.21 -16.84
C PHE A 361 2.96 -23.40 -18.30
N THR A 362 1.96 -22.67 -18.79
CA THR A 362 1.62 -22.72 -20.21
C THR A 362 2.82 -22.37 -21.08
N PHE A 363 3.53 -21.31 -20.72
CA PHE A 363 4.61 -20.79 -21.55
C PHE A 363 5.86 -21.66 -21.45
N PHE A 364 6.29 -21.96 -20.21
CA PHE A 364 7.57 -22.64 -20.00
C PHE A 364 7.51 -24.16 -20.12
N CYS A 365 6.32 -24.77 -20.04
CA CYS A 365 6.18 -26.22 -20.12
C CYS A 365 5.19 -26.59 -21.21
N PRO A 366 5.60 -26.50 -22.49
CA PRO A 366 4.72 -26.96 -23.57
C PRO A 366 4.47 -28.46 -23.55
N ASP A 367 5.26 -29.24 -22.80
CA ASP A 367 5.00 -30.66 -22.62
C ASP A 367 3.98 -30.93 -21.52
N CYS A 368 3.60 -29.91 -20.75
CA CYS A 368 2.55 -30.03 -19.76
C CYS A 368 1.20 -29.72 -20.39
N SER A 369 0.19 -30.52 -20.05
CA SER A 369 -1.16 -30.20 -20.49
C SER A 369 -1.57 -28.83 -19.97
N HIS A 370 -2.30 -28.08 -20.80
CA HIS A 370 -2.76 -26.76 -20.40
C HIS A 370 -3.66 -26.89 -19.17
N ALA A 371 -3.52 -25.94 -18.25
CA ALA A 371 -4.42 -25.89 -17.10
C ALA A 371 -5.86 -25.97 -17.59
N PRO A 372 -6.72 -26.75 -16.92
CA PRO A 372 -8.08 -26.95 -17.43
C PRO A 372 -8.91 -25.68 -17.34
N LEU A 373 -9.98 -25.66 -18.12
CA LEU A 373 -10.80 -24.44 -18.24
C LEU A 373 -11.37 -24.02 -16.89
N TRP A 374 -11.81 -24.97 -16.07
CA TRP A 374 -12.38 -24.60 -14.78
C TRP A 374 -11.36 -23.94 -13.88
N LEU A 375 -10.09 -24.32 -14.00
CA LEU A 375 -9.05 -23.68 -13.20
C LEU A 375 -8.75 -22.28 -13.72
N MET A 376 -8.74 -22.09 -15.04
CA MET A 376 -8.64 -20.75 -15.61
C MET A 376 -9.74 -19.85 -15.05
N TYR A 377 -11.00 -20.32 -15.10
CA TYR A 377 -12.11 -19.53 -14.58
C TYR A 377 -11.92 -19.22 -13.10
N LEU A 378 -11.48 -20.22 -12.32
CA LEU A 378 -11.27 -20.00 -10.89
C LEU A 378 -10.19 -18.95 -10.65
N ALA A 379 -9.10 -19.02 -11.42
CA ALA A 379 -8.03 -18.04 -11.27
C ALA A 379 -8.48 -16.64 -11.66
N ILE A 380 -9.33 -16.53 -12.68
CA ILE A 380 -9.85 -15.23 -13.10
C ILE A 380 -10.79 -14.66 -12.03
N VAL A 381 -11.71 -15.50 -11.54
N VAL A 381 -11.69 -15.49 -11.49
CA VAL A 381 -12.62 -15.08 -10.48
CA VAL A 381 -12.61 -14.97 -10.49
C VAL A 381 -11.84 -14.61 -9.26
C VAL A 381 -11.88 -14.64 -9.20
N LEU A 382 -10.78 -15.33 -8.90
CA LEU A 382 -9.97 -14.96 -7.74
C LEU A 382 -9.33 -13.58 -7.94
N ALA A 383 -8.74 -13.35 -9.11
CA ALA A 383 -8.18 -12.03 -9.40
C ALA A 383 -9.23 -10.94 -9.27
N HIS A 384 -10.43 -11.17 -9.83
CA HIS A 384 -11.49 -10.18 -9.73
C HIS A 384 -11.95 -9.95 -8.29
N THR A 385 -11.92 -10.99 -7.45
N THR A 385 -11.92 -10.98 -7.44
CA THR A 385 -12.32 -10.84 -6.06
CA THR A 385 -12.33 -10.80 -6.05
C THR A 385 -11.43 -9.85 -5.32
C THR A 385 -11.42 -9.85 -5.30
N ASN A 386 -10.19 -9.64 -5.79
CA ASN A 386 -9.33 -8.64 -5.17
C ASN A 386 -9.93 -7.25 -5.26
N SER A 387 -10.79 -7.01 -6.25
CA SER A 387 -11.48 -5.73 -6.34
C SER A 387 -12.60 -5.59 -5.33
N VAL A 388 -12.89 -6.64 -4.55
CA VAL A 388 -13.88 -6.58 -3.49
C VAL A 388 -13.26 -6.39 -2.12
N VAL A 389 -12.01 -6.83 -1.90
CA VAL A 389 -11.51 -6.99 -0.55
C VAL A 389 -11.05 -5.68 0.10
N ASN A 390 -10.53 -4.73 -0.67
CA ASN A 390 -9.97 -3.52 -0.05
C ASN A 390 -10.94 -2.74 0.82
N PRO A 391 -12.20 -2.48 0.40
CA PRO A 391 -13.12 -1.80 1.33
C PRO A 391 -13.25 -2.51 2.67
N PHE A 392 -13.15 -3.84 2.69
CA PHE A 392 -13.26 -4.57 3.95
C PHE A 392 -12.02 -4.40 4.81
N ILE A 393 -10.83 -4.34 4.19
CA ILE A 393 -9.63 -4.07 4.96
C ILE A 393 -9.69 -2.67 5.57
N TYR A 394 -10.11 -1.67 4.80
CA TYR A 394 -10.22 -0.32 5.34
C TYR A 394 -11.22 -0.27 6.50
N ALA A 395 -12.35 -0.98 6.36
CA ALA A 395 -13.38 -0.93 7.39
C ALA A 395 -12.94 -1.64 8.68
N TYR A 396 -12.16 -2.72 8.56
CA TYR A 396 -11.75 -3.47 9.74
C TYR A 396 -10.49 -2.93 10.39
N ARG A 397 -9.65 -2.19 9.65
CA ARG A 397 -8.36 -1.77 10.15
C ARG A 397 -8.19 -0.27 10.32
N ILE A 398 -9.03 0.55 9.69
CA ILE A 398 -8.89 2.01 9.76
C ILE A 398 -10.17 2.58 10.35
N ARG A 399 -10.07 3.12 11.56
CA ARG A 399 -11.26 3.57 12.27
C ARG A 399 -11.96 4.71 11.55
N GLU A 400 -11.19 5.63 10.95
CA GLU A 400 -11.79 6.77 10.27
C GLU A 400 -12.62 6.32 9.07
N PHE A 401 -12.15 5.30 8.34
CA PHE A 401 -12.97 4.74 7.27
C PHE A 401 -14.19 4.02 7.82
N ARG A 402 -14.00 3.23 8.87
CA ARG A 402 -15.11 2.46 9.45
C ARG A 402 -16.22 3.39 9.92
N GLN A 403 -15.86 4.46 10.64
CA GLN A 403 -16.86 5.38 11.15
C GLN A 403 -17.55 6.13 10.02
N THR A 404 -16.80 6.49 8.98
CA THR A 404 -17.39 7.18 7.84
C THR A 404 -18.31 6.26 7.05
N PHE A 405 -17.93 4.99 6.91
CA PHE A 405 -18.80 4.01 6.27
C PHE A 405 -20.14 3.91 6.99
N ARG A 406 -20.11 3.87 8.33
N ARG A 406 -20.10 3.88 8.33
CA ARG A 406 -21.34 3.77 9.10
CA ARG A 406 -21.34 3.77 9.10
C ARG A 406 -22.23 5.00 8.90
C ARG A 406 -22.23 5.00 8.90
N LYS A 407 -21.63 6.19 8.88
CA LYS A 407 -22.41 7.41 8.68
C LYS A 407 -23.07 7.42 7.31
N ILE A 408 -22.34 7.01 6.27
CA ILE A 408 -22.92 6.95 4.93
C ILE A 408 -24.04 5.92 4.87
N ILE A 409 -23.83 4.75 5.49
CA ILE A 409 -24.80 3.68 5.40
C ILE A 409 -26.05 4.01 6.22
N ARG A 410 -25.86 4.51 7.45
CA ARG A 410 -27.00 4.82 8.30
C ARG A 410 -27.83 5.96 7.74
N SER A 411 -27.20 6.93 7.08
CA SER A 411 -27.91 8.13 6.65
C SER A 411 -28.46 8.03 5.23
N HIS A 412 -27.92 7.16 4.39
CA HIS A 412 -28.29 7.14 2.98
C HIS A 412 -28.84 5.80 2.47
N VAL A 413 -28.64 4.71 3.20
CA VAL A 413 -29.25 3.44 2.81
C VAL A 413 -30.04 2.85 3.97
#